data_4O5A
#
_entry.id   4O5A
#
_cell.length_a   65.214
_cell.length_b   88.913
_cell.length_c   60.524
_cell.angle_alpha   90.00
_cell.angle_beta   94.65
_cell.angle_gamma   90.00
#
_symmetry.space_group_name_H-M   'C 1 2 1'
#
loop_
_entity.id
_entity.type
_entity.pdbx_description
1 polymer 'LacI family transcription regulator'
2 non-polymer GLYCEROL
3 non-polymer 'SULFATE ION'
4 water water
#
_entity_poly.entity_id   1
_entity_poly.type   'polypeptide(L)'
_entity_poly.pdbx_seq_one_letter_code
;SNA(MSE)VAQKAKVTIFDVAKASGVSSSAVSYALNGKPGVSDATREKVLQVARKLGWRPNGAAQSLAQSRTRRIGLVLG
YDPQLLSAEPYI(MSE)RLISGLGSALEERDYSLLVR(MSE)S(MSE)DDDDEVSILEDWIATGNVDALLLLNLEIGDPR
IEL(MSE)KNNPQ(MSE)PCLALADSSLTSGLPTL(MSE)SDDAAASGT(MSE)IRHLALFGHKNIARVAGPEELGHSYI
RDAAFSEITTELG(MSE)RYR(OCS)LHTDYTPESGAEATKRLLSVEPRPTAIIYDNDV(MSE)ALAGESVASVKGVRVP
EDLSIISWGDSF(MSE)NVAAHPPITALSRNILESGRLAAQL(MSE)LKLIDGEDVENVEEPPYELIERASTAPAAQ
;
_entity_poly.pdbx_strand_id   A
#
loop_
_chem_comp.id
_chem_comp.type
_chem_comp.name
_chem_comp.formula
GOL non-polymer GLYCEROL 'C3 H8 O3'
SO4 non-polymer 'SULFATE ION' 'O4 S -2'
#
# COMPACT_ATOMS: atom_id res chain seq x y z
N SER A 66 -17.55 25.16 -17.61
CA SER A 66 -17.30 24.16 -18.66
C SER A 66 -16.54 22.97 -18.09
N ARG A 67 -16.56 21.84 -18.80
CA ARG A 67 -15.84 20.66 -18.34
CA ARG A 67 -15.86 20.63 -18.35
C ARG A 67 -14.82 20.21 -19.37
N THR A 68 -13.65 19.79 -18.88
CA THR A 68 -12.60 19.31 -19.76
C THR A 68 -12.79 17.83 -20.00
N ARG A 69 -13.53 17.19 -19.10
CA ARG A 69 -13.68 15.72 -19.10
C ARG A 69 -12.37 14.99 -18.90
N ARG A 70 -11.48 15.59 -18.11
CA ARG A 70 -10.18 14.99 -17.79
C ARG A 70 -9.98 15.00 -16.30
N ILE A 71 -9.33 13.94 -15.80
CA ILE A 71 -8.90 13.84 -14.41
C ILE A 71 -7.39 13.85 -14.46
N GLY A 72 -6.74 14.68 -13.65
CA GLY A 72 -5.29 14.71 -13.65
C GLY A 72 -4.62 13.77 -12.66
N LEU A 73 -3.55 13.12 -13.10
CA LEU A 73 -2.74 12.24 -12.25
C LEU A 73 -1.28 12.45 -12.57
N VAL A 74 -0.50 12.85 -11.58
CA VAL A 74 0.94 12.91 -11.76
C VAL A 74 1.58 11.67 -11.17
N LEU A 75 2.30 10.92 -12.00
CA LEU A 75 3.02 9.73 -11.52
C LEU A 75 4.49 10.05 -11.29
N GLY A 76 5.15 9.24 -10.48
CA GLY A 76 6.58 9.43 -10.25
C GLY A 76 7.38 8.61 -11.24
N TYR A 77 8.47 9.17 -11.75
CA TYR A 77 9.31 8.45 -12.70
C TYR A 77 9.96 7.23 -12.03
N ASP A 78 9.84 6.09 -12.70
CA ASP A 78 10.22 4.77 -12.16
C ASP A 78 9.41 4.41 -10.93
N TYR A 87 0.65 -2.16 -8.92
CA TYR A 87 -0.41 -1.48 -8.20
C TYR A 87 -1.06 -0.39 -9.05
N ILE A 88 -0.24 0.52 -9.53
CA ILE A 88 -0.75 1.66 -10.28
C ILE A 88 -1.51 1.21 -11.52
N MSE A 89 -1.03 0.15 -12.18
CA MSE A 89 -1.74 -0.31 -13.38
C MSE A 89 -3.16 -0.76 -13.02
O MSE A 89 -4.12 -0.45 -13.72
CB MSE A 89 -1.00 -1.44 -14.10
CG MSE A 89 -0.10 -0.97 -15.23
SE MSE A 89 -0.69 0.58 -16.23
CE MSE A 89 -1.99 -0.32 -17.39
N ARG A 90 -3.30 -1.47 -11.92
CA ARG A 90 -4.63 -1.93 -11.51
C ARG A 90 -5.50 -0.76 -11.12
N LEU A 91 -4.91 0.23 -10.44
CA LEU A 91 -5.67 1.43 -10.09
C LEU A 91 -6.19 2.13 -11.34
N ILE A 92 -5.32 2.25 -12.33
CA ILE A 92 -5.70 2.94 -13.56
C ILE A 92 -6.81 2.18 -14.31
N SER A 93 -6.75 0.86 -14.32
CA SER A 93 -7.84 0.05 -14.88
C SER A 93 -9.18 0.30 -14.17
N GLY A 94 -9.17 0.32 -12.84
CA GLY A 94 -10.37 0.61 -12.07
C GLY A 94 -10.87 2.02 -12.34
N LEU A 95 -9.97 3.00 -12.30
CA LEU A 95 -10.36 4.37 -12.60
C LEU A 95 -11.05 4.44 -13.97
N GLY A 96 -10.40 3.87 -14.98
CA GLY A 96 -10.94 3.86 -16.32
C GLY A 96 -12.30 3.21 -16.45
N SER A 97 -12.57 2.18 -15.64
CA SER A 97 -13.84 1.48 -15.74
C SER A 97 -14.98 2.41 -15.37
N ALA A 98 -14.69 3.40 -14.52
CA ALA A 98 -15.72 4.36 -14.13
C ALA A 98 -15.71 5.61 -15.00
N LEU A 99 -14.52 6.10 -15.35
CA LEU A 99 -14.42 7.30 -16.19
C LEU A 99 -15.03 7.06 -17.56
N GLU A 100 -14.92 5.83 -18.09
CA GLU A 100 -15.47 5.53 -19.41
C GLU A 100 -16.98 5.65 -19.45
N GLU A 101 -17.62 5.38 -18.32
CA GLU A 101 -19.08 5.50 -18.22
C GLU A 101 -19.56 6.92 -18.50
N ARG A 102 -18.68 7.90 -18.29
CA ARG A 102 -19.04 9.32 -18.47
C ARG A 102 -18.16 9.97 -19.54
N ASP A 103 -17.47 9.14 -20.32
CA ASP A 103 -16.60 9.64 -21.39
C ASP A 103 -15.52 10.59 -20.89
N TYR A 104 -14.96 10.25 -19.73
CA TYR A 104 -13.88 11.01 -19.14
C TYR A 104 -12.57 10.30 -19.48
N SER A 105 -11.48 11.06 -19.44
CA SER A 105 -10.14 10.52 -19.69
C SER A 105 -9.25 10.82 -18.50
N LEU A 106 -8.14 10.09 -18.39
CA LEU A 106 -7.13 10.38 -17.39
C LEU A 106 -5.98 11.11 -18.07
N LEU A 107 -5.58 12.25 -17.51
CA LEU A 107 -4.46 12.99 -18.06
C LEU A 107 -3.25 12.70 -17.19
N VAL A 108 -2.23 12.10 -17.77
CA VAL A 108 -1.08 11.61 -16.99
C VAL A 108 0.18 12.40 -17.29
N ARG A 109 0.79 12.93 -16.25
CA ARG A 109 2.11 13.52 -16.38
C ARG A 109 3.07 12.84 -15.41
N MSE A 110 4.36 13.13 -15.56
CA MSE A 110 5.38 12.37 -14.87
C MSE A 110 6.30 13.35 -14.15
O MSE A 110 6.89 14.23 -14.78
CB MSE A 110 6.17 11.53 -15.90
CG MSE A 110 7.15 10.47 -15.36
SE MSE A 110 6.30 8.83 -14.71
CE MSE A 110 4.85 8.68 -15.98
N SER A 111 6.42 13.22 -12.84
CA SER A 111 7.38 14.05 -12.12
C SER A 111 8.75 13.35 -12.05
N MSE A 112 9.78 14.07 -12.47
CA MSE A 112 11.13 13.51 -12.56
C MSE A 112 11.94 13.87 -11.33
O MSE A 112 13.02 13.31 -11.10
CB MSE A 112 11.84 14.03 -13.82
CG MSE A 112 11.00 13.99 -15.10
SE MSE A 112 10.54 12.17 -15.70
CE MSE A 112 12.36 11.54 -16.03
N ASP A 113 11.41 14.81 -10.55
CA ASP A 113 12.09 15.30 -9.36
C ASP A 113 11.12 15.37 -8.19
N ASP A 114 11.53 16.03 -7.11
CA ASP A 114 10.74 16.06 -5.87
C ASP A 114 9.71 17.20 -5.82
N ASP A 115 10.07 18.37 -6.36
CA ASP A 115 9.18 19.52 -6.38
C ASP A 115 8.49 19.66 -7.74
N ASP A 116 8.74 18.68 -8.61
CA ASP A 116 8.18 18.66 -9.97
C ASP A 116 6.67 18.47 -9.94
N GLU A 117 6.19 17.59 -9.07
CA GLU A 117 4.75 17.35 -9.00
C GLU A 117 3.97 18.62 -8.66
N VAL A 118 4.40 19.32 -7.62
CA VAL A 118 3.72 20.55 -7.23
C VAL A 118 3.65 21.52 -8.39
N SER A 119 4.74 21.68 -9.13
CA SER A 119 4.77 22.58 -10.28
C SER A 119 3.76 22.20 -11.36
N ILE A 120 3.65 20.91 -11.65
CA ILE A 120 2.69 20.45 -12.65
C ILE A 120 1.26 20.71 -12.17
N LEU A 121 1.00 20.42 -10.90
CA LEU A 121 -0.32 20.61 -10.31
C LEU A 121 -0.71 22.07 -10.34
N GLU A 122 0.25 22.95 -10.04
CA GLU A 122 -0.01 24.38 -10.05
C GLU A 122 -0.39 24.84 -11.45
N ASP A 123 0.23 24.23 -12.46
CA ASP A 123 -0.06 24.58 -13.84
C ASP A 123 -1.48 24.17 -14.21
N TRP A 124 -1.84 22.95 -13.81
CA TRP A 124 -3.17 22.41 -14.09
C TRP A 124 -4.24 23.27 -13.44
N ILE A 125 -3.97 23.70 -12.21
CA ILE A 125 -4.90 24.52 -11.47
C ILE A 125 -5.06 25.89 -12.12
N ALA A 126 -3.93 26.49 -12.51
CA ALA A 126 -3.94 27.84 -13.08
C ALA A 126 -4.64 27.90 -14.43
N THR A 127 -4.57 26.80 -15.18
CA THR A 127 -5.14 26.76 -16.52
C THR A 127 -6.50 26.06 -16.55
N GLY A 128 -6.88 25.41 -15.45
CA GLY A 128 -8.11 24.66 -15.41
C GLY A 128 -8.11 23.51 -16.42
N ASN A 129 -6.96 22.89 -16.59
CA ASN A 129 -6.76 21.92 -17.66
C ASN A 129 -7.36 20.55 -17.37
N VAL A 130 -7.76 20.33 -16.12
CA VAL A 130 -8.45 19.09 -15.72
C VAL A 130 -9.61 19.46 -14.80
N ASP A 131 -10.52 18.51 -14.58
CA ASP A 131 -11.71 18.77 -13.79
C ASP A 131 -11.53 18.41 -12.31
N ALA A 132 -10.54 17.57 -12.05
CA ALA A 132 -10.22 17.09 -10.71
C ALA A 132 -8.85 16.46 -10.70
N LEU A 133 -8.23 16.43 -9.52
CA LEU A 133 -6.88 15.87 -9.37
C LEU A 133 -6.93 14.68 -8.41
N LEU A 134 -6.17 13.65 -8.74
CA LEU A 134 -6.06 12.49 -7.89
C LEU A 134 -4.71 12.56 -7.19
N LEU A 135 -4.70 12.49 -5.86
CA LEU A 135 -3.46 12.55 -5.09
C LEU A 135 -3.11 11.19 -4.48
N LEU A 136 -1.97 10.64 -4.88
CA LEU A 136 -1.52 9.36 -4.33
C LEU A 136 -0.27 9.53 -3.48
N ASN A 137 -0.01 8.53 -2.65
CA ASN A 137 1.24 8.46 -1.89
C ASN A 137 1.48 9.69 -1.03
N LEU A 138 0.50 10.01 -0.20
CA LEU A 138 0.59 11.14 0.70
C LEU A 138 1.71 10.89 1.72
N GLU A 139 2.58 11.87 1.89
CA GLU A 139 3.62 11.78 2.91
C GLU A 139 3.16 12.60 4.10
N ILE A 140 3.86 12.48 5.21
CA ILE A 140 3.62 13.35 6.34
C ILE A 140 4.06 14.76 5.96
N GLY A 141 3.16 15.74 6.17
CA GLY A 141 3.44 17.13 5.84
C GLY A 141 3.60 17.37 4.35
N ASP A 142 2.82 16.65 3.55
CA ASP A 142 2.91 16.73 2.09
C ASP A 142 2.57 18.15 1.60
N PRO A 143 3.44 18.74 0.77
CA PRO A 143 3.20 20.09 0.26
C PRO A 143 1.99 20.19 -0.66
N ARG A 144 1.41 19.04 -1.01
CA ARG A 144 0.24 19.04 -1.88
C ARG A 144 -1.06 19.36 -1.13
N ILE A 145 -1.14 18.99 0.15
CA ILE A 145 -2.31 19.28 0.95
C ILE A 145 -2.52 20.79 1.02
N GLU A 146 -1.45 21.52 1.33
CA GLU A 146 -1.51 22.97 1.42
C GLU A 146 -1.89 23.60 0.08
N LEU A 147 -1.37 23.04 -1.01
CA LEU A 147 -1.70 23.51 -2.35
C LEU A 147 -3.20 23.36 -2.62
N MSE A 148 -3.75 22.20 -2.31
CA MSE A 148 -5.16 21.95 -2.55
C MSE A 148 -6.05 22.83 -1.68
O MSE A 148 -7.08 23.33 -2.13
CB MSE A 148 -5.53 20.47 -2.34
CG MSE A 148 -4.87 19.48 -3.27
SE MSE A 148 -4.55 20.12 -5.08
CE MSE A 148 -6.36 20.58 -5.60
N LYS A 149 -5.65 23.01 -0.42
CA LYS A 149 -6.47 23.78 0.51
C LYS A 149 -6.52 25.25 0.11
N ASN A 150 -5.42 25.73 -0.48
CA ASN A 150 -5.36 27.11 -0.97
C ASN A 150 -6.05 27.25 -2.34
N ASN A 151 -6.46 26.11 -2.91
CA ASN A 151 -7.18 26.09 -4.18
C ASN A 151 -8.43 25.21 -4.14
N PRO A 152 -9.47 25.63 -3.39
CA PRO A 152 -10.64 24.75 -3.24
C PRO A 152 -11.55 24.76 -4.47
N GLN A 153 -11.29 25.63 -5.43
CA GLN A 153 -12.05 25.61 -6.68
C GLN A 153 -11.65 24.43 -7.59
N MSE A 154 -10.60 23.71 -7.20
CA MSE A 154 -10.19 22.51 -7.94
C MSE A 154 -10.48 21.26 -7.12
O MSE A 154 -9.82 21.04 -6.10
CB MSE A 154 -8.70 22.58 -8.30
CG MSE A 154 -8.11 21.26 -8.81
SE MSE A 154 -8.80 20.68 -10.55
CE MSE A 154 -7.72 21.88 -11.67
N PRO A 155 -11.45 20.46 -7.56
CA PRO A 155 -11.76 19.21 -6.88
C PRO A 155 -10.55 18.30 -6.78
N CYS A 156 -10.37 17.66 -5.63
CA CYS A 156 -9.34 16.63 -5.51
C CYS A 156 -9.78 15.52 -4.58
N LEU A 157 -9.11 14.40 -4.69
CA LEU A 157 -9.34 13.24 -3.84
C LEU A 157 -8.01 12.61 -3.52
N ALA A 158 -7.80 12.31 -2.24
CA ALA A 158 -6.57 11.63 -1.83
C ALA A 158 -6.84 10.17 -1.50
N LEU A 159 -5.89 9.31 -1.85
CA LEU A 159 -5.95 7.91 -1.42
C LEU A 159 -4.92 7.70 -0.34
N ALA A 160 -5.36 7.73 0.91
CA ALA A 160 -4.45 7.66 2.05
C ALA A 160 -5.20 7.33 3.34
N ASP A 161 -4.46 7.19 4.43
CA ASP A 161 -5.07 7.14 5.75
C ASP A 161 -5.58 8.56 6.01
N SER A 162 -6.74 8.66 6.65
CA SER A 162 -7.38 9.95 6.90
C SER A 162 -6.50 10.90 7.73
N SER A 163 -5.59 10.35 8.52
CA SER A 163 -4.70 11.14 9.35
C SER A 163 -3.73 12.01 8.56
N LEU A 164 -3.55 11.72 7.28
CA LEU A 164 -2.56 12.42 6.46
C LEU A 164 -3.15 13.44 5.49
N THR A 165 -4.47 13.57 5.47
CA THR A 165 -5.12 14.33 4.39
C THR A 165 -5.72 15.66 4.84
N SER A 166 -5.84 15.83 6.15
CA SER A 166 -6.26 17.10 6.76
C SER A 166 -7.53 17.70 6.15
N GLY A 167 -8.61 16.93 6.16
CA GLY A 167 -9.90 17.45 5.76
C GLY A 167 -10.24 17.32 4.28
N LEU A 168 -9.25 17.02 3.45
CA LEU A 168 -9.49 16.82 2.02
C LEU A 168 -10.29 15.54 1.80
N PRO A 169 -11.11 15.50 0.74
CA PRO A 169 -11.86 14.28 0.44
C PRO A 169 -10.91 13.09 0.32
N THR A 170 -11.18 12.04 1.07
CA THR A 170 -10.23 10.92 1.13
C THR A 170 -10.93 9.59 0.90
N LEU A 171 -10.32 8.75 0.08
CA LEU A 171 -10.69 7.34 0.02
C LEU A 171 -9.73 6.63 0.97
N MSE A 172 -10.24 6.18 2.12
CA MSE A 172 -9.41 5.82 3.27
C MSE A 172 -8.96 4.37 3.28
O MSE A 172 -9.78 3.45 3.22
CB MSE A 172 -10.18 6.08 4.57
CG MSE A 172 -10.73 7.48 4.70
SE MSE A 172 -11.80 7.71 6.31
CE MSE A 172 -13.24 6.44 5.92
N SER A 173 -7.66 4.16 3.38
CA SER A 173 -7.11 2.83 3.61
C SER A 173 -7.15 2.52 5.09
N ASP A 174 -7.01 1.25 5.46
CA ASP A 174 -6.98 0.93 6.87
C ASP A 174 -5.83 -0.03 7.16
N ASP A 175 -4.62 0.50 7.14
CA ASP A 175 -3.45 -0.34 7.41
C ASP A 175 -3.45 -0.94 8.82
N ALA A 176 -3.98 -0.23 9.80
CA ALA A 176 -4.04 -0.77 11.17
C ALA A 176 -4.92 -2.02 11.23
N ALA A 177 -6.07 -1.97 10.56
CA ALA A 177 -6.95 -3.15 10.46
C ALA A 177 -6.23 -4.32 9.81
N ALA A 178 -5.65 -4.08 8.64
CA ALA A 178 -4.91 -5.11 7.93
C ALA A 178 -3.79 -5.70 8.80
N SER A 179 -3.11 -4.86 9.56
CA SER A 179 -2.03 -5.31 10.45
C SER A 179 -2.59 -6.33 11.45
N GLY A 180 -3.73 -6.01 12.03
CA GLY A 180 -4.39 -6.91 12.97
C GLY A 180 -4.76 -8.24 12.34
N THR A 181 -5.29 -8.20 11.12
CA THR A 181 -5.71 -9.42 10.46
C THR A 181 -4.50 -10.36 10.24
N MSE A 182 -3.37 -9.79 9.83
CA MSE A 182 -2.16 -10.59 9.58
C MSE A 182 -1.59 -11.13 10.88
O MSE A 182 -1.22 -12.30 10.97
CB MSE A 182 -1.13 -9.75 8.84
CG MSE A 182 -1.48 -9.53 7.39
SE MSE A 182 -0.06 -8.56 6.50
CE MSE A 182 -0.41 -6.82 7.23
N ILE A 183 -1.53 -10.28 11.90
CA ILE A 183 -0.93 -10.71 13.16
C ILE A 183 -1.81 -11.75 13.84
N ARG A 184 -3.13 -11.58 13.79
CA ARG A 184 -4.00 -12.58 14.40
C ARG A 184 -3.86 -13.95 13.72
N HIS A 185 -3.64 -13.95 12.40
CA HIS A 185 -3.43 -15.17 11.63
C HIS A 185 -2.17 -15.88 12.14
N LEU A 186 -1.11 -15.11 12.37
CA LEU A 186 0.13 -15.67 12.91
C LEU A 186 -0.06 -16.15 14.34
N ALA A 187 -0.83 -15.39 15.14
CA ALA A 187 -1.07 -15.77 16.53
C ALA A 187 -1.83 -17.09 16.62
N LEU A 188 -2.82 -17.25 15.74
CA LEU A 188 -3.64 -18.47 15.72
C LEU A 188 -2.75 -19.69 15.44
N PHE A 189 -1.73 -19.47 14.63
CA PHE A 189 -0.77 -20.51 14.28
C PHE A 189 0.36 -20.64 15.29
N GLY A 190 0.23 -19.95 16.42
CA GLY A 190 1.15 -20.11 17.53
C GLY A 190 2.49 -19.39 17.44
N HIS A 191 2.60 -18.42 16.52
CA HIS A 191 3.83 -17.64 16.40
C HIS A 191 3.99 -16.67 17.57
N LYS A 192 5.17 -16.63 18.15
CA LYS A 192 5.45 -15.77 19.30
C LYS A 192 6.62 -14.80 19.06
N ASN A 193 7.23 -14.91 17.89
CA ASN A 193 8.40 -14.12 17.56
C ASN A 193 8.36 -13.87 16.06
N ILE A 194 7.98 -12.66 15.65
CA ILE A 194 7.79 -12.35 14.25
C ILE A 194 8.53 -11.09 13.85
N ALA A 195 8.68 -10.89 12.56
CA ALA A 195 9.39 -9.72 12.07
C ALA A 195 8.74 -9.16 10.84
N ARG A 196 9.02 -7.89 10.57
CA ARG A 196 8.54 -7.23 9.38
C ARG A 196 9.72 -6.72 8.57
N VAL A 197 9.68 -6.95 7.28
CA VAL A 197 10.60 -6.31 6.35
C VAL A 197 9.81 -5.22 5.65
N ALA A 198 10.04 -3.98 6.06
CA ALA A 198 9.23 -2.85 5.63
C ALA A 198 9.90 -2.04 4.52
N GLY A 199 9.16 -1.09 3.96
CA GLY A 199 9.73 -0.21 2.95
C GLY A 199 10.48 0.91 3.64
N PRO A 200 10.79 1.98 2.90
CA PRO A 200 11.54 3.10 3.47
C PRO A 200 10.76 3.76 4.61
N GLU A 201 11.48 4.32 5.58
CA GLU A 201 10.83 5.00 6.71
C GLU A 201 10.17 6.32 6.30
N GLU A 202 10.46 6.80 5.09
CA GLU A 202 9.94 8.09 4.62
C GLU A 202 8.51 8.00 4.04
N LEU A 203 7.97 6.79 3.98
CA LEU A 203 6.59 6.59 3.53
C LEU A 203 5.59 7.11 4.57
N GLY A 204 4.54 7.76 4.09
CA GLY A 204 3.51 8.31 4.97
C GLY A 204 2.80 7.23 5.79
N HIS A 205 2.79 5.99 5.29
CA HIS A 205 2.14 4.92 6.03
C HIS A 205 3.07 4.17 6.99
N SER A 206 4.33 4.60 7.03
CA SER A 206 5.32 3.90 7.85
C SER A 206 4.99 3.94 9.34
N TYR A 207 4.58 5.10 9.82
N TYR A 207 4.63 5.13 9.83
CA TYR A 207 4.31 5.26 11.25
CA TYR A 207 4.28 5.30 11.24
C TYR A 207 2.97 4.67 11.70
C TYR A 207 3.04 4.52 11.62
N ILE A 208 2.00 4.64 10.79
CA ILE A 208 0.72 4.00 11.05
C ILE A 208 0.92 2.50 11.22
N ARG A 209 1.66 1.92 10.27
CA ARG A 209 1.91 0.49 10.30
C ARG A 209 2.73 0.09 11.51
N ASP A 210 3.78 0.85 11.82
CA ASP A 210 4.66 0.51 12.94
C ASP A 210 3.90 0.60 14.25
N ALA A 211 3.07 1.62 14.39
CA ALA A 211 2.29 1.78 15.62
C ALA A 211 1.32 0.61 15.82
N ALA A 212 0.66 0.21 14.74
CA ALA A 212 -0.26 -0.92 14.79
C ALA A 212 0.46 -2.22 15.13
N PHE A 213 1.56 -2.51 14.44
CA PHE A 213 2.32 -3.71 14.74
C PHE A 213 2.86 -3.74 16.16
N SER A 214 3.40 -2.62 16.63
CA SER A 214 3.91 -2.56 17.99
C SER A 214 2.81 -2.79 19.02
N GLU A 215 1.67 -2.15 18.85
CA GLU A 215 0.61 -2.27 19.84
C GLU A 215 0.04 -3.69 19.90
N ILE A 216 -0.28 -4.24 18.74
CA ILE A 216 -0.93 -5.54 18.69
C ILE A 216 0.00 -6.65 19.16
N THR A 217 1.24 -6.64 18.67
CA THR A 217 2.21 -7.65 19.10
C THR A 217 2.49 -7.60 20.60
N THR A 218 2.71 -6.39 21.13
CA THR A 218 2.93 -6.22 22.56
C THR A 218 1.74 -6.76 23.35
N GLU A 219 0.54 -6.45 22.87
CA GLU A 219 -0.66 -6.83 23.61
C GLU A 219 -0.94 -8.32 23.51
N LEU A 220 -0.34 -8.99 22.53
CA LEU A 220 -0.49 -10.44 22.42
C LEU A 220 0.75 -11.17 22.95
N GLY A 221 1.68 -10.41 23.49
CA GLY A 221 2.89 -10.97 24.06
C GLY A 221 3.80 -11.60 23.00
N MSE A 222 3.80 -11.00 21.81
CA MSE A 222 4.65 -11.50 20.72
C MSE A 222 5.86 -10.61 20.53
O MSE A 222 5.76 -9.39 20.53
CB MSE A 222 3.85 -11.56 19.41
CG MSE A 222 2.64 -12.50 19.48
SE MSE A 222 1.35 -12.20 18.06
CE MSE A 222 2.44 -12.74 16.55
N ARG A 223 7.03 -11.23 20.38
CA ARG A 223 8.25 -10.48 20.11
C ARG A 223 8.19 -9.97 18.69
N TYR A 224 8.56 -8.70 18.48
CA TYR A 224 8.43 -8.07 17.17
C TYR A 224 9.66 -7.23 16.85
N ARG A 225 10.20 -7.43 15.64
CA ARG A 225 11.30 -6.60 15.16
C ARG A 225 11.02 -6.22 13.71
N OCS A 226 11.57 -5.11 13.26
CA OCS A 226 11.44 -4.77 11.87
CB OCS A 226 10.29 -3.79 11.65
SG OCS A 226 10.64 -2.14 12.20
C OCS A 226 12.72 -4.25 11.27
O OCS A 226 13.62 -3.76 12.01
OD1 OCS A 226 11.78 -1.50 11.43
OD2 OCS A 226 10.88 -2.09 13.68
OD3 OCS A 226 9.51 -1.22 11.80
N LEU A 227 12.84 -4.37 9.95
CA LEU A 227 13.98 -3.81 9.22
C LEU A 227 13.43 -3.03 8.03
N HIS A 228 14.06 -1.91 7.71
CA HIS A 228 13.63 -1.12 6.55
C HIS A 228 14.48 -1.42 5.31
N THR A 229 13.84 -1.33 4.13
CA THR A 229 14.46 -1.66 2.85
C THR A 229 14.03 -0.65 1.81
N ASP A 230 14.46 -0.86 0.56
CA ASP A 230 14.06 0.01 -0.52
C ASP A 230 13.15 -0.69 -1.54
N TYR A 231 12.52 -1.79 -1.13
CA TYR A 231 11.54 -2.52 -1.94
C TYR A 231 12.14 -3.46 -2.98
N THR A 232 13.46 -3.45 -3.14
CA THR A 232 14.09 -4.30 -4.15
C THR A 232 14.27 -5.72 -3.63
N PRO A 233 14.38 -6.71 -4.54
CA PRO A 233 14.60 -8.07 -4.03
C PRO A 233 15.96 -8.21 -3.37
N GLU A 234 16.97 -7.46 -3.81
CA GLU A 234 18.29 -7.53 -3.16
C GLU A 234 18.17 -7.07 -1.71
N SER A 235 17.41 -6.00 -1.49
CA SER A 235 17.24 -5.46 -0.16
C SER A 235 16.42 -6.42 0.70
N GLY A 236 15.39 -7.03 0.13
CA GLY A 236 14.58 -7.98 0.86
C GLY A 236 15.37 -9.23 1.22
N ALA A 237 16.22 -9.66 0.28
CA ALA A 237 17.08 -10.82 0.51
C ALA A 237 18.07 -10.56 1.65
N GLU A 238 18.67 -9.37 1.66
CA GLU A 238 19.65 -9.00 2.67
C GLU A 238 18.99 -8.97 4.05
N ALA A 239 17.81 -8.35 4.11
CA ALA A 239 17.06 -8.27 5.35
C ALA A 239 16.67 -9.66 5.87
N THR A 240 16.30 -10.55 4.95
CA THR A 240 15.92 -11.90 5.36
C THR A 240 17.10 -12.68 5.92
N LYS A 241 18.24 -12.61 5.22
CA LYS A 241 19.47 -13.22 5.72
C LYS A 241 19.78 -12.73 7.12
N ARG A 242 19.62 -11.43 7.34
CA ARG A 242 19.88 -10.86 8.66
C ARG A 242 18.91 -11.41 9.71
N LEU A 243 17.62 -11.42 9.41
CA LEU A 243 16.62 -11.95 10.36
C LEU A 243 16.82 -13.42 10.68
N LEU A 244 17.17 -14.21 9.67
CA LEU A 244 17.37 -15.65 9.87
C LEU A 244 18.68 -16.04 10.55
N SER A 245 19.58 -15.06 10.70
N SER A 245 19.59 -15.08 10.71
CA SER A 245 20.88 -15.34 11.28
CA SER A 245 20.89 -15.38 11.32
C SER A 245 21.03 -14.88 12.74
C SER A 245 21.03 -14.87 12.75
N VAL A 246 20.05 -14.12 13.24
CA VAL A 246 20.13 -13.55 14.59
C VAL A 246 19.17 -14.22 15.58
N GLU A 247 19.73 -14.91 16.58
CA GLU A 247 18.96 -15.63 17.60
C GLU A 247 18.34 -14.68 18.64
N PRO A 248 17.08 -14.93 19.04
CA PRO A 248 16.18 -15.98 18.54
C PRO A 248 15.57 -15.66 17.16
N ARG A 249 15.68 -16.61 16.23
CA ARG A 249 15.19 -16.46 14.85
C ARG A 249 13.67 -16.31 14.82
N PRO A 250 13.15 -15.28 14.10
CA PRO A 250 11.69 -15.20 14.00
C PRO A 250 11.12 -16.41 13.27
N THR A 251 9.90 -16.81 13.64
CA THR A 251 9.24 -17.94 12.98
C THR A 251 8.31 -17.47 11.86
N ALA A 252 8.08 -16.17 11.75
CA ALA A 252 7.29 -15.63 10.66
C ALA A 252 7.82 -14.26 10.29
N ILE A 253 7.81 -13.97 8.99
CA ILE A 253 8.21 -12.66 8.47
C ILE A 253 7.13 -12.13 7.56
N ILE A 254 6.73 -10.89 7.79
CA ILE A 254 5.79 -10.19 6.93
C ILE A 254 6.56 -9.17 6.06
N TYR A 255 6.37 -9.25 4.75
CA TYR A 255 7.06 -8.34 3.84
C TYR A 255 6.12 -7.29 3.27
N ASP A 256 6.61 -6.06 3.14
CA ASP A 256 5.77 -4.96 2.62
C ASP A 256 5.47 -5.05 1.13
N ASN A 257 6.12 -5.96 0.40
CA ASN A 257 5.68 -6.21 -0.97
C ASN A 257 5.90 -7.63 -1.42
N ASP A 258 5.32 -7.97 -2.57
CA ASP A 258 5.40 -9.34 -3.07
C ASP A 258 6.81 -9.77 -3.48
N VAL A 259 7.55 -8.91 -4.17
CA VAL A 259 8.87 -9.30 -4.66
CA VAL A 259 8.89 -9.26 -4.66
C VAL A 259 9.84 -9.57 -3.50
N MSE A 260 9.72 -8.83 -2.40
CA MSE A 260 10.59 -9.13 -1.26
C MSE A 260 10.19 -10.42 -0.54
O MSE A 260 11.06 -11.14 -0.03
CB MSE A 260 10.68 -7.95 -0.28
CG MSE A 260 11.32 -6.72 -0.93
SE MSE A 260 11.92 -5.41 0.38
CE MSE A 260 10.21 -4.97 1.17
N ALA A 261 8.89 -10.70 -0.48
CA ALA A 261 8.42 -11.96 0.10
C ALA A 261 8.98 -13.14 -0.70
N LEU A 262 8.93 -13.03 -2.02
CA LEU A 262 9.51 -14.07 -2.86
C LEU A 262 11.02 -14.18 -2.67
N ALA A 263 11.72 -13.05 -2.65
CA ALA A 263 13.18 -13.04 -2.47
C ALA A 263 13.55 -13.66 -1.12
N GLY A 264 12.75 -13.34 -0.11
CA GLY A 264 12.92 -13.90 1.23
C GLY A 264 12.64 -15.39 1.30
N GLU A 265 11.61 -15.83 0.62
CA GLU A 265 11.34 -17.27 0.54
C GLU A 265 12.50 -18.02 -0.12
N SER A 266 13.06 -17.44 -1.18
CA SER A 266 14.21 -18.05 -1.86
C SER A 266 15.43 -18.09 -0.95
N VAL A 267 15.65 -17.03 -0.18
CA VAL A 267 16.73 -17.01 0.81
C VAL A 267 16.56 -18.13 1.81
N ALA A 268 15.36 -18.29 2.34
CA ALA A 268 15.11 -19.34 3.32
C ALA A 268 15.41 -20.72 2.70
N SER A 269 14.96 -20.93 1.47
CA SER A 269 15.18 -22.23 0.83
C SER A 269 16.65 -22.52 0.65
N VAL A 270 17.41 -21.53 0.18
CA VAL A 270 18.85 -21.74 -0.01
C VAL A 270 19.50 -22.06 1.33
N LYS A 271 18.98 -21.46 2.38
CA LYS A 271 19.54 -21.62 3.73
C LYS A 271 19.11 -22.93 4.39
N GLY A 272 18.11 -23.61 3.82
CA GLY A 272 17.62 -24.86 4.39
C GLY A 272 16.56 -24.61 5.45
N VAL A 273 16.08 -23.37 5.52
CA VAL A 273 14.97 -23.04 6.38
C VAL A 273 13.68 -23.28 5.62
N ARG A 274 12.95 -24.33 6.01
CA ARG A 274 11.72 -24.74 5.30
CA ARG A 274 11.74 -24.74 5.29
C ARG A 274 10.58 -23.74 5.46
N VAL A 275 9.92 -23.43 4.34
CA VAL A 275 8.69 -22.64 4.37
C VAL A 275 7.56 -23.58 3.98
N PRO A 276 6.56 -23.77 4.86
CA PRO A 276 6.33 -23.00 6.09
C PRO A 276 6.78 -23.74 7.36
N GLU A 277 7.37 -24.93 7.25
CA GLU A 277 7.66 -25.73 8.45
C GLU A 277 8.55 -25.03 9.49
N ASP A 278 9.53 -24.28 9.03
CA ASP A 278 10.46 -23.59 9.91
C ASP A 278 10.18 -22.08 9.94
N LEU A 279 9.57 -21.57 8.87
CA LEU A 279 9.36 -20.13 8.69
C LEU A 279 8.07 -19.85 7.91
N SER A 280 7.16 -19.09 8.50
CA SER A 280 5.98 -18.63 7.76
C SER A 280 6.26 -17.28 7.12
N ILE A 281 5.67 -17.06 5.94
CA ILE A 281 5.87 -15.81 5.19
C ILE A 281 4.53 -15.25 4.73
N ILE A 282 4.35 -13.94 4.89
CA ILE A 282 3.18 -13.24 4.38
C ILE A 282 3.63 -12.05 3.53
N SER A 283 2.95 -11.85 2.41
CA SER A 283 3.16 -10.68 1.56
C SER A 283 2.06 -9.66 1.83
N TRP A 284 2.43 -8.41 2.07
CA TRP A 284 1.47 -7.32 2.19
C TRP A 284 1.28 -6.82 0.76
N GLY A 285 0.19 -7.21 0.13
CA GLY A 285 -0.01 -6.93 -1.29
C GLY A 285 0.00 -8.25 -2.03
N ASP A 286 -0.91 -8.41 -2.99
CA ASP A 286 -1.00 -9.70 -3.67
C ASP A 286 -0.80 -9.53 -5.17
N SER A 287 -0.36 -10.60 -5.84
CA SER A 287 -0.21 -10.60 -7.27
C SER A 287 -0.05 -12.04 -7.70
N PHE A 288 -0.02 -12.26 -9.01
CA PHE A 288 0.19 -13.59 -9.58
C PHE A 288 1.50 -14.21 -9.10
N MSE A 289 2.46 -13.36 -8.72
CA MSE A 289 3.75 -13.83 -8.26
C MSE A 289 3.61 -14.72 -7.02
O MSE A 289 4.29 -15.74 -6.89
CB MSE A 289 4.60 -12.60 -7.91
CG MSE A 289 6.03 -12.87 -7.57
SE MSE A 289 6.81 -11.18 -6.98
CE MSE A 289 6.10 -9.99 -8.33
N ASN A 290 2.71 -14.33 -6.13
CA ASN A 290 2.46 -15.12 -4.92
C ASN A 290 1.86 -16.48 -5.21
N VAL A 291 1.06 -16.57 -6.26
CA VAL A 291 0.41 -17.81 -6.65
C VAL A 291 1.43 -18.78 -7.26
N ALA A 292 2.45 -18.19 -7.89
CA ALA A 292 3.43 -18.96 -8.66
C ALA A 292 4.63 -19.41 -7.84
N ALA A 293 4.71 -18.94 -6.60
CA ALA A 293 5.90 -19.16 -5.75
C ALA A 293 5.98 -20.59 -5.21
N HIS A 294 7.08 -20.89 -4.53
CA HIS A 294 7.35 -22.26 -4.03
C HIS A 294 7.69 -22.26 -2.53
N PRO A 295 6.69 -22.42 -1.66
CA PRO A 295 5.26 -22.63 -1.92
C PRO A 295 4.53 -21.31 -2.16
N PRO A 296 3.30 -21.39 -2.65
CA PRO A 296 2.52 -20.15 -2.84
C PRO A 296 2.40 -19.35 -1.53
N ILE A 297 2.45 -18.03 -1.69
CA ILE A 297 2.63 -17.13 -0.57
C ILE A 297 1.32 -16.47 -0.11
N THR A 298 1.03 -16.63 1.18
CA THR A 298 -0.13 -16.03 1.85
C THR A 298 -0.02 -14.51 1.72
N ALA A 299 -1.12 -13.84 1.35
CA ALA A 299 -1.03 -12.42 1.03
C ALA A 299 -2.21 -11.63 1.56
N LEU A 300 -1.93 -10.41 1.99
CA LEU A 300 -2.98 -9.46 2.32
C LEU A 300 -3.31 -8.77 1.02
N SER A 301 -4.51 -9.01 0.49
CA SER A 301 -4.87 -8.56 -0.84
C SER A 301 -5.78 -7.34 -0.73
N ARG A 302 -5.39 -6.24 -1.37
CA ARG A 302 -6.24 -5.05 -1.44
C ARG A 302 -7.02 -5.11 -2.75
N ASN A 303 -8.26 -4.64 -2.71
CA ASN A 303 -9.08 -4.66 -3.91
C ASN A 303 -8.80 -3.37 -4.69
N ILE A 304 -7.67 -3.35 -5.39
CA ILE A 304 -7.20 -2.14 -6.08
C ILE A 304 -8.11 -1.74 -7.24
N LEU A 305 -8.61 -2.73 -7.97
CA LEU A 305 -9.56 -2.48 -9.06
CA LEU A 305 -9.55 -2.44 -9.07
C LEU A 305 -10.74 -1.67 -8.56
N GLU A 306 -11.43 -2.18 -7.56
CA GLU A 306 -12.59 -1.51 -7.01
C GLU A 306 -12.22 -0.18 -6.34
N SER A 307 -11.00 -0.09 -5.80
CA SER A 307 -10.56 1.17 -5.20
C SER A 307 -10.48 2.24 -6.27
N GLY A 308 -9.94 1.86 -7.41
CA GLY A 308 -9.79 2.77 -8.53
C GLY A 308 -11.15 3.21 -9.01
N ARG A 309 -12.08 2.26 -9.10
CA ARG A 309 -13.42 2.57 -9.57
C ARG A 309 -14.11 3.54 -8.61
N LEU A 310 -14.00 3.28 -7.31
CA LEU A 310 -14.60 4.15 -6.32
C LEU A 310 -13.98 5.54 -6.38
N ALA A 311 -12.67 5.62 -6.59
CA ALA A 311 -11.97 6.90 -6.63
C ALA A 311 -12.49 7.77 -7.77
N ALA A 312 -12.68 7.17 -8.93
CA ALA A 312 -13.21 7.89 -10.08
C ALA A 312 -14.64 8.35 -9.81
N GLN A 313 -15.45 7.48 -9.25
CA GLN A 313 -16.83 7.85 -8.95
C GLN A 313 -16.88 9.01 -7.99
N LEU A 314 -15.99 9.00 -7.00
CA LEU A 314 -16.00 10.06 -5.98
C LEU A 314 -15.56 11.40 -6.58
N MSE A 315 -14.58 11.36 -7.46
CA MSE A 315 -14.12 12.61 -8.07
C MSE A 315 -15.20 13.15 -8.98
O MSE A 315 -15.39 14.36 -9.05
CB MSE A 315 -12.80 12.42 -8.82
CG MSE A 315 -11.62 12.27 -7.89
SE MSE A 315 -9.93 12.11 -8.83
CE MSE A 315 -10.15 10.36 -9.62
N LEU A 316 -15.91 12.27 -9.68
CA LEU A 316 -17.02 12.72 -10.53
C LEU A 316 -18.14 13.37 -9.71
N LYS A 317 -18.40 12.84 -8.52
CA LYS A 317 -19.36 13.47 -7.62
C LYS A 317 -18.92 14.88 -7.24
N LEU A 318 -17.64 15.03 -6.88
CA LEU A 318 -17.10 16.34 -6.54
C LEU A 318 -17.27 17.31 -7.71
N ILE A 319 -16.94 16.83 -8.90
CA ILE A 319 -17.08 17.64 -10.12
C ILE A 319 -18.54 18.03 -10.35
N ASP A 320 -19.45 17.10 -10.09
CA ASP A 320 -20.88 17.38 -10.25
C ASP A 320 -21.42 18.33 -9.19
N GLY A 321 -20.62 18.60 -8.16
CA GLY A 321 -21.01 19.57 -7.15
C GLY A 321 -21.73 18.94 -5.97
N GLU A 322 -21.62 17.61 -5.87
CA GLU A 322 -22.25 16.90 -4.77
C GLU A 322 -21.29 16.91 -3.58
N ASP A 323 -21.84 16.95 -2.37
CA ASP A 323 -20.99 16.86 -1.20
C ASP A 323 -20.57 15.41 -0.97
N VAL A 324 -19.30 15.24 -0.61
CA VAL A 324 -18.69 13.93 -0.55
C VAL A 324 -18.02 13.69 0.81
N GLU A 325 -18.62 12.82 1.60
CA GLU A 325 -18.02 12.42 2.86
C GLU A 325 -16.92 11.41 2.56
N ASN A 326 -15.92 11.32 3.44
CA ASN A 326 -14.84 10.34 3.24
C ASN A 326 -15.40 8.93 3.15
N VAL A 327 -14.74 8.10 2.36
CA VAL A 327 -15.25 6.79 2.04
C VAL A 327 -14.17 5.78 2.40
N GLU A 328 -14.54 4.70 3.07
CA GLU A 328 -13.60 3.62 3.34
C GLU A 328 -13.29 2.90 2.04
N GLU A 329 -12.05 2.49 1.83
CA GLU A 329 -11.76 1.72 0.63
C GLU A 329 -12.39 0.33 0.78
N PRO A 330 -12.61 -0.37 -0.34
CA PRO A 330 -13.27 -1.70 -0.28
C PRO A 330 -12.49 -2.64 0.62
N PRO A 331 -13.18 -3.61 1.25
CA PRO A 331 -12.46 -4.43 2.23
C PRO A 331 -11.33 -5.23 1.59
N TYR A 332 -10.25 -5.34 2.33
CA TYR A 332 -9.13 -6.18 1.93
C TYR A 332 -9.45 -7.63 2.34
N GLU A 333 -8.60 -8.58 1.95
CA GLU A 333 -8.85 -9.97 2.28
C GLU A 333 -7.50 -10.65 2.51
N LEU A 334 -7.37 -11.43 3.58
CA LEU A 334 -6.14 -12.22 3.73
C LEU A 334 -6.38 -13.52 2.99
N ILE A 335 -5.63 -13.72 1.91
CA ILE A 335 -5.72 -14.95 1.14
C ILE A 335 -4.71 -15.94 1.67
N GLU A 336 -5.22 -16.97 2.35
CA GLU A 336 -4.36 -17.97 2.98
CA GLU A 336 -4.37 -17.97 2.99
C GLU A 336 -3.83 -18.96 1.97
N ARG A 337 -2.51 -19.08 1.91
CA ARG A 337 -1.86 -20.01 1.00
C ARG A 337 -0.90 -20.90 1.79
N ALA A 338 -0.05 -21.61 1.07
CA ALA A 338 0.78 -22.64 1.70
C ALA A 338 1.91 -22.10 2.57
N SER A 339 2.24 -20.83 2.43
CA SER A 339 3.43 -20.29 3.12
C SER A 339 3.22 -19.90 4.60
N THR A 340 2.01 -20.07 5.13
CA THR A 340 1.81 -19.88 6.58
C THR A 340 1.29 -21.17 7.17
N ALA A 341 1.81 -21.53 8.34
CA ALA A 341 1.45 -22.78 9.00
C ALA A 341 1.82 -22.67 10.48
N PRO A 342 1.47 -23.67 11.31
CA PRO A 342 1.84 -23.53 12.73
C PRO A 342 3.32 -23.31 12.97
N ALA A 343 3.63 -22.58 14.04
CA ALA A 343 5.01 -22.22 14.36
C ALA A 343 5.83 -23.45 14.74
N ALA A 344 7.07 -23.48 14.28
CA ALA A 344 8.01 -24.55 14.61
C ALA A 344 8.21 -24.67 16.12
C1 GOL B . -8.39 4.73 8.47
O1 GOL B . -8.16 5.88 7.69
C2 GOL B . -9.55 4.94 9.45
O2 GOL B . -9.39 4.05 10.53
C3 GOL B . -10.87 4.64 8.75
O3 GOL B . -10.96 3.26 8.47
C1 GOL C . 21.68 -1.66 11.70
O1 GOL C . 20.68 -1.72 12.68
C2 GOL C . 21.10 -1.17 10.38
O2 GOL C . 20.46 0.07 10.59
C3 GOL C . 22.23 -1.00 9.37
O3 GOL C . 21.81 -1.48 8.12
C1 GOL D . -3.18 -9.53 -12.06
O1 GOL D . -2.24 -8.69 -12.70
C2 GOL D . -2.73 -9.78 -10.62
O2 GOL D . -1.36 -10.14 -10.61
C3 GOL D . -3.59 -10.88 -10.02
O3 GOL D . -3.63 -10.75 -8.61
S SO4 E . -20.60 0.04 -8.75
O1 SO4 E . -21.22 -0.85 -7.77
O2 SO4 E . -21.12 1.40 -8.56
O3 SO4 E . -19.15 0.02 -8.57
O4 SO4 E . -20.94 -0.41 -10.08
S SO4 F . 10.77 -8.00 23.63
O1 SO4 F . 9.41 -8.06 23.11
O2 SO4 F . 10.75 -7.43 24.97
O3 SO4 F . 11.34 -9.34 23.69
O4 SO4 F . 11.59 -7.15 22.77
#